data_8RWR
#
_entry.id   8RWR
#
_cell.length_a   60.213
_cell.length_b   79.455
_cell.length_c   55.679
_cell.angle_alpha   90.000
_cell.angle_beta   90.000
_cell.angle_gamma   90.000
#
_symmetry.space_group_name_H-M   'P 21 21 2'
#
loop_
_entity.id
_entity.type
_entity.pdbx_description
1 polymer 'Carbapenem-hydrolyzing beta-lactamase KPC'
2 non-polymer 'SULFATE ION'
3 non-polymer GLYCEROL
4 non-polymer '(2~{R},4~{R})-4-(2-methanimidamidoethylsulfanyl)-2-[(2~{S},3~{R})-3-oxidanyl-1-oxidanylidene-butan-2-yl]-3,4-dihydro-2~{H}-pyrrole-5-carboxylic acid'
5 non-polymer '(2~{R},4~{S})-4-(2-methanimidamidoethylsulfanyl)-2-[(2~{S},3~{R})-3-oxidanyl-1-oxidanylidene-butan-2-yl]-3,4-dihydro-2~{H}-pyrrole-5-carboxylic acid'
6 water water
#
_entity_poly.entity_id   1
_entity_poly.type   'polypeptide(L)'
_entity_poly.pdbx_seq_one_letter_code
;MGSSHHHHHHSSGLVPRGSHMLTNLVAEPFAKLEQDFGGSIGVYAMDTGSGATVSYRAEERFPLCSSFKGFLAAAVLARS
QQQADLLDTPIRYGKNALVPWSPISEKYLTTGMTVAELSAAAVQYSDNAAANLLLKELGGPAGLTAFMRSIGDTTFRLDR
WQLELNSAIPGDARDTSSPRAVTESLQKLTLGSALAAPQRQQFVDWLKGNTTGNHRIRAAVPADWAVGDKTGTCGVYGTA
NDYAVVWPTGRAPIVLAVYTRAPNKDDKHSEAVIAAAARLALEGLGVNGQ
;
_entity_poly.pdbx_strand_id   A
#
loop_
_chem_comp.id
_chem_comp.type
_chem_comp.name
_chem_comp.formula
A1H3N non-polymer '(2~{R},4~{R})-4-(2-methanimidamidoethylsulfanyl)-2-[(2~{S},3~{R})-3-oxidanyl-1-oxidanylidene-butan-2-yl]-3,4-dihydro-2~{H}-pyrrole-5-carboxylic acid' 'C12 H19 N3 O4 S'
A1H3O non-polymer '(2~{R},4~{S})-4-(2-methanimidamidoethylsulfanyl)-2-[(2~{S},3~{R})-3-oxidanyl-1-oxidanylidene-butan-2-yl]-3,4-dihydro-2~{H}-pyrrole-5-carboxylic acid' 'C12 H19 N3 O4 S'
GOL non-polymer GLYCEROL 'C3 H8 O3'
SO4 non-polymer 'SULFATE ION' 'O4 S -2'
#
# COMPACT_ATOMS: atom_id res chain seq x y z
N MET A 21 14.79 7.38 -21.09
CA MET A 21 15.07 8.79 -21.46
C MET A 21 14.48 9.73 -20.40
N LEU A 22 13.33 9.36 -19.81
CA LEU A 22 12.70 10.18 -18.79
C LEU A 22 12.87 9.64 -17.38
N THR A 23 13.68 8.59 -17.21
CA THR A 23 13.93 8.03 -15.89
C THR A 23 15.18 8.66 -15.29
N ASN A 24 15.06 9.13 -14.05
CA ASN A 24 16.19 9.68 -13.31
C ASN A 24 16.91 10.76 -14.09
N LEU A 25 16.13 11.72 -14.63
CA LEU A 25 16.72 12.89 -15.26
C LEU A 25 17.59 13.68 -14.28
N VAL A 26 17.24 13.64 -13.00
CA VAL A 26 17.94 14.34 -11.93
C VAL A 26 18.28 13.32 -10.85
N ALA A 27 19.58 13.14 -10.59
CA ALA A 27 20.02 12.20 -9.56
C ALA A 27 19.74 12.75 -8.17
N GLU A 28 19.46 11.84 -7.23
CA GLU A 28 19.14 12.16 -5.85
C GLU A 28 19.89 11.20 -4.94
N PRO A 29 20.25 11.64 -3.73
CA PRO A 29 21.16 10.85 -2.87
C PRO A 29 20.46 9.74 -2.09
N PHE A 30 19.83 8.83 -2.83
CA PHE A 30 19.18 7.68 -2.19
C PHE A 30 20.20 6.78 -1.50
N ALA A 31 21.38 6.60 -2.11
CA ALA A 31 22.37 5.68 -1.53
C ALA A 31 22.83 6.16 -0.17
N LYS A 32 23.11 7.45 -0.04
CA LYS A 32 23.49 7.98 1.26
C LYS A 32 22.37 7.79 2.29
N LEU A 33 21.13 8.02 1.86
CA LEU A 33 20.00 7.85 2.77
C LEU A 33 19.91 6.42 3.27
N GLU A 34 20.02 5.42 2.37
CA GLU A 34 19.85 4.06 2.83
C GLU A 34 21.06 3.61 3.66
N GLN A 35 22.23 4.17 3.38
CA GLN A 35 23.41 3.86 4.20
C GLN A 35 23.25 4.40 5.62
N ASP A 36 22.73 5.62 5.76
CA ASP A 36 22.45 6.14 7.09
C ASP A 36 21.39 5.32 7.80
N PHE A 37 20.41 4.83 7.05
CA PHE A 37 19.37 3.95 7.60
C PHE A 37 19.93 2.59 8.01
N GLY A 38 20.97 2.12 7.32
CA GLY A 38 21.52 0.80 7.60
C GLY A 38 20.83 -0.34 6.90
N GLY A 39 20.21 -0.07 5.77
CA GLY A 39 19.47 -1.10 5.04
C GLY A 39 19.34 -0.72 3.59
N SER A 40 18.22 -1.15 3.01
CA SER A 40 17.92 -0.92 1.61
C SER A 40 16.61 -0.15 1.48
N ILE A 41 16.59 0.81 0.56
CA ILE A 41 15.38 1.58 0.26
C ILE A 41 15.08 1.41 -1.22
N GLY A 42 13.82 1.14 -1.54
CA GLY A 42 13.36 1.02 -2.90
C GLY A 42 12.29 2.05 -3.20
N VAL A 43 12.45 2.77 -4.29
CA VAL A 43 11.59 3.91 -4.62
C VAL A 43 11.23 3.86 -6.08
N TYR A 44 9.95 4.00 -6.38
N TYR A 44 9.96 4.10 -6.39
CA TYR A 44 9.50 4.33 -7.73
CA TYR A 44 9.55 4.33 -7.77
C TYR A 44 8.53 5.47 -7.59
C TYR A 44 8.42 5.35 -7.76
N ALA A 45 8.64 6.45 -8.47
CA ALA A 45 7.71 7.57 -8.50
C ALA A 45 7.47 7.96 -9.94
N MET A 46 6.21 8.15 -10.29
N MET A 46 6.21 8.24 -10.26
CA MET A 46 5.78 8.51 -11.63
CA MET A 46 5.76 8.49 -11.63
C MET A 46 5.07 9.84 -11.61
C MET A 46 4.99 9.81 -11.67
N ASP A 47 5.45 10.73 -12.52
CA ASP A 47 4.68 11.92 -12.84
C ASP A 47 3.73 11.52 -13.96
N THR A 48 2.43 11.43 -13.65
CA THR A 48 1.48 10.93 -14.62
C THR A 48 1.19 11.92 -15.74
N GLY A 49 1.69 13.14 -15.64
CA GLY A 49 1.54 14.10 -16.72
C GLY A 49 2.53 13.84 -17.83
N SER A 50 3.81 13.82 -17.49
CA SER A 50 4.88 13.71 -18.48
C SER A 50 5.37 12.29 -18.69
N GLY A 51 5.12 11.41 -17.73
CA GLY A 51 5.71 10.08 -17.75
C GLY A 51 7.10 10.01 -17.15
N ALA A 52 7.64 11.12 -16.65
CA ALA A 52 8.94 11.09 -16.00
C ALA A 52 8.87 10.26 -14.73
N THR A 53 9.98 9.58 -14.43
CA THR A 53 10.02 8.73 -13.26
C THR A 53 11.31 8.93 -12.48
N VAL A 54 11.24 8.58 -11.21
CA VAL A 54 12.38 8.42 -10.32
C VAL A 54 12.39 6.96 -9.89
N SER A 55 13.57 6.35 -9.93
N SER A 55 13.55 6.31 -10.02
CA SER A 55 13.68 4.91 -9.74
CA SER A 55 13.63 4.88 -9.72
C SER A 55 14.97 4.58 -9.02
C SER A 55 14.94 4.56 -9.02
N TYR A 56 14.85 3.88 -7.88
CA TYR A 56 16.01 3.49 -7.09
C TYR A 56 15.67 2.13 -6.49
N ARG A 57 16.43 1.11 -6.87
CA ARG A 57 16.14 -0.27 -6.48
C ARG A 57 14.68 -0.64 -6.81
N ALA A 58 14.16 -0.11 -7.92
CA ALA A 58 12.70 -0.13 -8.11
C ALA A 58 12.18 -1.50 -8.52
N GLU A 59 13.03 -2.37 -9.04
CA GLU A 59 12.64 -3.70 -9.44
C GLU A 59 13.08 -4.78 -8.45
N GLU A 60 13.66 -4.39 -7.32
CA GLU A 60 13.92 -5.34 -6.26
C GLU A 60 12.65 -5.68 -5.52
N ARG A 61 12.60 -6.89 -4.97
CA ARG A 61 11.49 -7.30 -4.14
C ARG A 61 11.69 -6.83 -2.70
N PHE A 62 10.60 -6.36 -2.11
CA PHE A 62 10.53 -5.99 -0.71
C PHE A 62 9.27 -6.59 -0.13
N PRO A 63 9.26 -6.93 1.17
CA PRO A 63 8.02 -7.44 1.79
C PRO A 63 6.90 -6.42 1.71
N LEU A 64 5.71 -6.90 1.36
CA LEU A 64 4.52 -6.04 1.37
C LEU A 64 4.11 -5.63 2.77
N CYS A 65 4.27 -6.53 3.74
CA CYS A 65 3.69 -6.33 5.07
C CYS A 65 2.21 -5.97 4.88
N SER A 66 1.68 -5.07 5.71
CA SER A 66 0.27 -4.76 5.65
C SER A 66 -0.12 -3.99 4.39
N SER A 67 0.83 -3.58 3.55
CA SER A 67 0.47 -2.78 2.39
C SER A 67 -0.34 -3.58 1.38
N PHE A 68 -0.36 -4.91 1.49
CA PHE A 68 -1.23 -5.68 0.62
C PHE A 68 -2.70 -5.31 0.79
N LYS A 69 -3.06 -4.75 1.96
CA LYS A 69 -4.47 -4.51 2.27
C LYS A 69 -5.09 -3.47 1.37
N GLY A 70 -4.30 -2.52 0.84
CA GLY A 70 -4.86 -1.59 -0.12
C GLY A 70 -5.32 -2.29 -1.39
N PHE A 71 -4.46 -3.16 -1.93
CA PHE A 71 -4.83 -3.91 -3.12
C PHE A 71 -5.96 -4.88 -2.83
N LEU A 72 -6.03 -5.41 -1.62
CA LEU A 72 -7.16 -6.23 -1.21
C LEU A 72 -8.47 -5.47 -1.33
N ALA A 73 -8.50 -4.22 -0.82
CA ALA A 73 -9.72 -3.42 -0.92
C ALA A 73 -10.08 -3.13 -2.38
N ALA A 74 -9.07 -2.90 -3.22
CA ALA A 74 -9.35 -2.71 -4.64
C ALA A 74 -9.95 -3.96 -5.26
N ALA A 75 -9.46 -5.14 -4.85
CA ALA A 75 -10.01 -6.37 -5.38
C ALA A 75 -11.46 -6.55 -4.97
N VAL A 76 -11.80 -6.17 -3.73
CA VAL A 76 -13.18 -6.19 -3.28
C VAL A 76 -14.03 -5.28 -4.15
N LEU A 77 -13.54 -4.06 -4.40
CA LEU A 77 -14.28 -3.12 -5.24
C LEU A 77 -14.45 -3.68 -6.65
N ALA A 78 -13.43 -4.31 -7.21
CA ALA A 78 -13.58 -4.92 -8.52
C ALA A 78 -14.70 -5.95 -8.50
N ARG A 79 -14.72 -6.80 -7.46
CA ARG A 79 -15.78 -7.79 -7.38
C ARG A 79 -17.15 -7.12 -7.29
N SER A 80 -17.22 -5.99 -6.57
CA SER A 80 -18.50 -5.31 -6.39
C SER A 80 -19.07 -4.77 -7.69
N GLN A 81 -18.27 -4.65 -8.74
CA GLN A 81 -18.78 -4.22 -10.04
C GLN A 81 -19.73 -5.25 -10.63
N GLN A 82 -19.55 -6.52 -10.29
CA GLN A 82 -20.41 -7.58 -10.74
C GLN A 82 -21.38 -8.06 -9.68
N GLN A 83 -21.24 -7.61 -8.45
CA GLN A 83 -22.09 -8.01 -7.32
C GLN A 83 -22.53 -6.74 -6.61
N ALA A 84 -23.67 -6.20 -7.05
CA ALA A 84 -24.10 -4.89 -6.56
C ALA A 84 -24.37 -4.90 -5.06
N ASP A 85 -24.71 -6.04 -4.49
CA ASP A 85 -25.02 -6.10 -3.07
C ASP A 85 -23.80 -6.41 -2.20
N LEU A 86 -22.61 -6.50 -2.77
CA LEU A 86 -21.46 -6.98 -2.01
C LEU A 86 -21.09 -6.01 -0.90
N LEU A 87 -20.95 -4.72 -1.22
CA LEU A 87 -20.36 -3.79 -0.26
C LEU A 87 -21.21 -3.64 0.99
N ASP A 88 -22.54 -3.70 0.87
CA ASP A 88 -23.42 -3.58 2.02
C ASP A 88 -23.72 -4.92 2.68
N THR A 89 -23.08 -6.00 2.28
CA THR A 89 -23.35 -7.30 2.88
C THR A 89 -22.83 -7.32 4.32
N PRO A 90 -23.68 -7.63 5.31
N PRO A 90 -23.65 -7.71 5.31
CA PRO A 90 -23.19 -7.77 6.69
CA PRO A 90 -23.18 -7.73 6.71
C PRO A 90 -22.29 -9.00 6.81
C PRO A 90 -22.43 -9.02 7.03
N ILE A 91 -21.26 -8.86 7.64
CA ILE A 91 -20.35 -9.96 7.96
C ILE A 91 -20.24 -10.07 9.48
N ARG A 92 -20.66 -11.19 10.03
N ARG A 92 -20.67 -11.19 10.04
CA ARG A 92 -20.47 -11.50 11.43
CA ARG A 92 -20.49 -11.44 11.46
C ARG A 92 -19.23 -12.35 11.58
C ARG A 92 -19.35 -12.43 11.67
N TYR A 93 -18.59 -12.23 12.75
CA TYR A 93 -17.38 -12.97 13.00
C TYR A 93 -17.27 -13.26 14.49
N GLY A 94 -16.51 -14.30 14.79
CA GLY A 94 -16.32 -14.70 16.17
C GLY A 94 -15.07 -14.06 16.79
N LYS A 95 -14.97 -14.22 18.11
CA LYS A 95 -13.81 -13.68 18.82
C LYS A 95 -12.51 -14.25 18.27
N ASN A 96 -12.53 -15.48 17.75
CA ASN A 96 -11.33 -16.08 17.19
C ASN A 96 -10.83 -15.35 15.95
N ALA A 97 -11.65 -14.52 15.32
CA ALA A 97 -11.16 -13.73 14.20
C ALA A 97 -10.31 -12.55 14.64
N LEU A 98 -10.39 -12.13 15.90
CA LEU A 98 -9.72 -10.93 16.35
C LEU A 98 -8.28 -11.22 16.72
N VAL A 99 -7.38 -10.95 15.79
CA VAL A 99 -5.95 -11.13 15.98
C VAL A 99 -5.35 -9.79 16.39
N PRO A 100 -4.09 -9.76 16.83
CA PRO A 100 -3.50 -8.49 17.23
C PRO A 100 -3.63 -7.41 16.16
N TRP A 101 -3.86 -6.19 16.62
CA TRP A 101 -4.05 -5.00 15.80
C TRP A 101 -5.29 -5.14 14.89
N SER A 102 -6.43 -5.15 15.56
CA SER A 102 -7.75 -5.18 14.92
C SER A 102 -8.57 -4.05 15.56
N PRO A 103 -8.12 -2.80 15.41
CA PRO A 103 -8.67 -1.72 16.26
C PRO A 103 -10.11 -1.35 15.95
N ILE A 104 -10.56 -1.54 14.72
CA ILE A 104 -11.94 -1.24 14.38
C ILE A 104 -12.82 -2.46 14.57
N SER A 105 -12.40 -3.60 14.01
N SER A 105 -12.38 -3.58 13.99
CA SER A 105 -13.27 -4.78 14.06
CA SER A 105 -13.16 -4.82 14.06
C SER A 105 -13.51 -5.26 15.48
C SER A 105 -13.54 -5.17 15.48
N GLU A 106 -12.59 -4.98 16.41
CA GLU A 106 -12.85 -5.36 17.80
C GLU A 106 -14.04 -4.61 18.39
N LYS A 107 -14.38 -3.44 17.86
N LYS A 107 -14.37 -3.43 17.87
CA LYS A 107 -15.48 -2.62 18.36
CA LYS A 107 -15.49 -2.64 18.39
C LYS A 107 -16.82 -2.99 17.73
C LYS A 107 -16.83 -3.11 17.86
N TYR A 108 -16.83 -3.98 16.84
CA TYR A 108 -18.06 -4.46 16.21
C TYR A 108 -18.16 -5.98 16.29
N LEU A 109 -17.39 -6.60 17.17
CA LEU A 109 -17.46 -8.06 17.33
C LEU A 109 -18.88 -8.52 17.58
N THR A 110 -19.61 -7.79 18.42
CA THR A 110 -20.93 -8.22 18.83
C THR A 110 -22.02 -7.81 17.85
N THR A 111 -21.68 -7.09 16.78
CA THR A 111 -22.66 -6.63 15.83
C THR A 111 -22.43 -7.09 14.40
N GLY A 112 -21.18 -7.33 14.01
CA GLY A 112 -20.80 -7.46 12.62
C GLY A 112 -20.52 -6.11 11.98
N MET A 113 -19.94 -6.17 10.78
N MET A 113 -19.95 -6.19 10.78
CA MET A 113 -19.66 -5.00 9.97
CA MET A 113 -19.62 -5.02 9.97
C MET A 113 -19.89 -5.35 8.51
C MET A 113 -19.95 -5.37 8.52
N THR A 114 -20.16 -4.35 7.69
CA THR A 114 -20.36 -4.60 6.27
C THR A 114 -19.02 -4.83 5.59
N VAL A 115 -19.08 -5.42 4.39
CA VAL A 115 -17.88 -5.59 3.58
C VAL A 115 -17.19 -4.26 3.34
N ALA A 116 -17.96 -3.22 3.03
CA ALA A 116 -17.36 -1.90 2.83
C ALA A 116 -16.68 -1.41 4.10
N GLU A 117 -17.33 -1.61 5.26
CA GLU A 117 -16.71 -1.17 6.50
C GLU A 117 -15.42 -1.94 6.78
N LEU A 118 -15.42 -3.25 6.53
CA LEU A 118 -14.20 -4.03 6.72
C LEU A 118 -13.10 -3.54 5.78
N SER A 119 -13.47 -3.21 4.55
CA SER A 119 -12.49 -2.71 3.58
C SER A 119 -11.90 -1.39 4.04
N ALA A 120 -12.75 -0.47 4.48
CA ALA A 120 -12.27 0.81 4.99
C ALA A 120 -11.36 0.61 6.20
N ALA A 121 -11.71 -0.31 7.10
CA ALA A 121 -10.89 -0.55 8.28
C ALA A 121 -9.53 -1.13 7.88
N ALA A 122 -9.53 -2.08 6.95
CA ALA A 122 -8.29 -2.65 6.46
C ALA A 122 -7.39 -1.59 5.86
N VAL A 123 -7.96 -0.67 5.09
CA VAL A 123 -7.15 0.37 4.45
C VAL A 123 -6.71 1.42 5.45
N GLN A 124 -7.65 1.94 6.26
CA GLN A 124 -7.44 3.18 6.99
C GLN A 124 -6.87 3.00 8.38
N TYR A 125 -6.97 1.78 8.94
CA TYR A 125 -6.42 1.43 10.24
C TYR A 125 -5.54 0.20 10.14
N SER A 126 -5.35 -0.35 8.94
CA SER A 126 -4.58 -1.58 8.77
C SER A 126 -5.14 -2.70 9.64
N ASP A 127 -6.46 -2.74 9.78
CA ASP A 127 -7.11 -3.70 10.66
C ASP A 127 -6.89 -5.14 10.18
N ASN A 128 -6.30 -5.96 11.06
CA ASN A 128 -5.91 -7.31 10.65
C ASN A 128 -7.12 -8.24 10.53
N ALA A 129 -8.01 -8.25 11.53
CA ALA A 129 -9.16 -9.14 11.40
C ALA A 129 -9.98 -8.81 10.17
N ALA A 130 -10.14 -7.51 9.87
CA ALA A 130 -10.92 -7.13 8.69
C ALA A 130 -10.24 -7.64 7.43
N ALA A 131 -8.92 -7.47 7.34
CA ALA A 131 -8.19 -7.95 6.17
C ALA A 131 -8.33 -9.46 6.02
N ASN A 132 -8.26 -10.20 7.13
CA ASN A 132 -8.36 -11.65 7.04
C ASN A 132 -9.72 -12.09 6.54
N LEU A 133 -10.77 -11.44 7.04
CA LEU A 133 -12.12 -11.78 6.59
C LEU A 133 -12.27 -11.51 5.10
N LEU A 134 -11.74 -10.40 4.63
CA LEU A 134 -11.87 -10.08 3.21
C LEU A 134 -11.01 -11.01 2.35
N LEU A 135 -9.81 -11.33 2.82
CA LEU A 135 -8.95 -12.24 2.07
C LEU A 135 -9.63 -13.59 1.90
N LYS A 136 -10.25 -14.08 2.99
CA LYS A 136 -11.01 -15.33 2.90
C LYS A 136 -12.08 -15.24 1.82
N GLU A 137 -12.80 -14.12 1.78
CA GLU A 137 -13.85 -13.94 0.79
C GLU A 137 -13.32 -13.98 -0.62
N LEU A 138 -12.12 -13.44 -0.86
CA LEU A 138 -11.57 -13.36 -2.21
C LEU A 138 -10.85 -14.64 -2.64
N GLY A 139 -10.85 -15.69 -1.82
CA GLY A 139 -10.12 -16.90 -2.15
C GLY A 139 -8.69 -16.92 -1.70
N GLY A 140 -8.34 -16.16 -0.67
CA GLY A 140 -7.07 -16.26 -0.04
C GLY A 140 -5.96 -15.58 -0.82
N PRO A 141 -4.72 -15.82 -0.38
CA PRO A 141 -3.55 -15.20 -1.07
C PRO A 141 -3.54 -15.41 -2.57
N ALA A 142 -3.88 -16.60 -3.05
CA ALA A 142 -3.90 -16.85 -4.48
C ALA A 142 -4.99 -16.03 -5.18
N GLY A 143 -6.13 -15.81 -4.51
CA GLY A 143 -7.17 -15.00 -5.12
C GLY A 143 -6.77 -13.54 -5.25
N LEU A 144 -6.09 -12.99 -4.25
CA LEU A 144 -5.61 -11.62 -4.40
C LEU A 144 -4.54 -11.53 -5.46
N THR A 145 -3.61 -12.50 -5.49
CA THR A 145 -2.61 -12.55 -6.53
C THR A 145 -3.25 -12.60 -7.90
N ALA A 146 -4.31 -13.41 -8.05
CA ALA A 146 -5.00 -13.49 -9.31
C ALA A 146 -5.60 -12.15 -9.71
N PHE A 147 -6.15 -11.39 -8.75
CA PHE A 147 -6.66 -10.07 -9.10
C PHE A 147 -5.55 -9.18 -9.64
N MET A 148 -4.40 -9.21 -8.98
CA MET A 148 -3.27 -8.40 -9.43
C MET A 148 -2.82 -8.83 -10.82
N ARG A 149 -2.78 -10.13 -11.10
CA ARG A 149 -2.49 -10.58 -12.46
C ARG A 149 -3.50 -10.03 -13.46
N SER A 150 -4.76 -9.92 -13.05
CA SER A 150 -5.82 -9.49 -13.97
C SER A 150 -5.68 -8.04 -14.39
N ILE A 151 -4.96 -7.22 -13.61
CA ILE A 151 -4.70 -5.84 -13.99
C ILE A 151 -3.32 -5.67 -14.63
N GLY A 152 -2.61 -6.77 -14.88
CA GLY A 152 -1.32 -6.73 -15.55
C GLY A 152 -0.10 -6.70 -14.66
N ASP A 153 -0.24 -6.93 -13.38
CA ASP A 153 0.86 -6.95 -12.46
C ASP A 153 1.38 -8.38 -12.38
N THR A 154 2.60 -8.62 -12.91
CA THR A 154 3.20 -9.95 -12.91
C THR A 154 4.23 -10.11 -11.80
N THR A 155 4.37 -9.11 -10.93
CA THR A 155 5.38 -9.10 -9.89
C THR A 155 4.79 -9.44 -8.53
N PHE A 156 3.65 -8.84 -8.20
CA PHE A 156 3.02 -9.04 -6.90
C PHE A 156 2.81 -10.51 -6.60
N ARG A 157 3.12 -10.91 -5.38
CA ARG A 157 2.68 -12.22 -4.92
C ARG A 157 2.30 -12.13 -3.45
N LEU A 158 1.09 -12.59 -3.13
CA LEU A 158 0.72 -12.90 -1.76
C LEU A 158 0.65 -14.41 -1.65
N ASP A 159 1.28 -14.94 -0.61
CA ASP A 159 1.49 -16.37 -0.43
C ASP A 159 0.92 -16.92 0.86
N ARG A 160 0.91 -16.14 1.92
CA ARG A 160 0.48 -16.56 3.24
C ARG A 160 -0.60 -15.63 3.74
N TRP A 161 -1.38 -16.17 4.67
N TRP A 161 -1.34 -16.03 4.78
CA TRP A 161 -2.26 -15.37 5.50
CA TRP A 161 -2.32 -15.08 5.27
C TRP A 161 -1.41 -14.72 6.60
C TRP A 161 -2.21 -14.82 6.78
N GLN A 162 -2.05 -13.83 7.36
N GLN A 162 -1.69 -15.79 7.54
N GLN A 162 -2.12 -13.89 7.32
CA GLN A 162 -1.37 -13.26 8.51
CA GLN A 162 -1.57 -15.61 8.96
CA GLN A 162 -1.22 -13.37 8.34
C GLN A 162 -1.25 -14.32 9.59
C GLN A 162 -0.57 -14.50 9.19
C GLN A 162 -1.02 -14.43 9.41
N LEU A 163 -0.27 -14.15 10.46
CA LEU A 163 0.67 -13.05 10.59
C LEU A 163 2.02 -13.36 9.98
N GLU A 164 2.18 -14.63 9.60
N GLU A 164 2.23 -14.61 9.61
CA GLU A 164 3.42 -15.10 9.06
CA GLU A 164 3.49 -15.06 9.08
C GLU A 164 3.80 -14.39 7.77
C GLU A 164 3.82 -14.38 7.77
N LEU A 165 2.83 -13.84 7.05
CA LEU A 165 3.16 -13.12 5.82
C LEU A 165 4.06 -11.92 6.07
N ASN A 166 4.16 -11.45 7.31
CA ASN A 166 4.99 -10.30 7.67
C ASN A 166 6.38 -10.68 8.15
N SER A 167 6.82 -11.93 7.92
CA SER A 167 8.09 -12.36 8.49
C SER A 167 9.29 -11.65 7.88
N ALA A 168 9.19 -11.18 6.64
CA ALA A 168 10.20 -10.30 6.04
C ALA A 168 11.60 -10.94 6.01
N ILE A 169 11.66 -12.26 5.81
CA ILE A 169 12.92 -12.99 5.86
C ILE A 169 13.79 -12.56 4.69
N PRO A 170 15.06 -12.22 4.94
CA PRO A 170 15.93 -11.81 3.81
C PRO A 170 16.01 -12.89 2.74
N GLY A 171 15.80 -12.45 1.50
CA GLY A 171 15.85 -13.32 0.34
C GLY A 171 14.58 -14.10 0.03
N ASP A 172 13.57 -14.03 0.89
CA ASP A 172 12.32 -14.77 0.71
C ASP A 172 11.41 -13.96 -0.20
N ALA A 173 11.06 -14.50 -1.35
CA ALA A 173 10.18 -13.79 -2.27
C ALA A 173 8.71 -13.88 -1.88
N ARG A 174 8.34 -14.74 -0.94
CA ARG A 174 6.91 -14.81 -0.57
C ARG A 174 6.43 -13.45 -0.04
N ASP A 175 5.20 -13.09 -0.42
CA ASP A 175 4.55 -11.90 0.15
C ASP A 175 5.35 -10.64 -0.12
N THR A 176 5.83 -10.52 -1.36
CA THR A 176 6.61 -9.37 -1.79
C THR A 176 6.07 -8.79 -3.08
N SER A 177 6.45 -7.55 -3.35
CA SER A 177 6.37 -7.01 -4.69
C SER A 177 7.54 -6.06 -4.87
N SER A 178 7.55 -5.31 -5.96
CA SER A 178 8.58 -4.31 -6.18
C SER A 178 7.98 -2.92 -6.08
N PRO A 179 8.78 -1.90 -5.73
CA PRO A 179 8.26 -0.53 -5.74
C PRO A 179 7.64 -0.15 -7.05
N ARG A 180 8.26 -0.60 -8.15
CA ARG A 180 7.75 -0.25 -9.47
C ARG A 180 6.38 -0.87 -9.69
N ALA A 181 6.23 -2.17 -9.44
CA ALA A 181 4.96 -2.81 -9.70
C ALA A 181 3.87 -2.25 -8.80
N VAL A 182 4.21 -1.98 -7.55
CA VAL A 182 3.25 -1.35 -6.64
C VAL A 182 2.76 -0.04 -7.21
N THR A 183 3.68 0.81 -7.68
CA THR A 183 3.30 2.10 -8.23
C THR A 183 2.48 1.94 -9.50
N GLU A 184 2.90 1.04 -10.38
CA GLU A 184 2.16 0.83 -11.63
C GLU A 184 0.75 0.34 -11.35
N SER A 185 0.61 -0.59 -10.41
CA SER A 185 -0.72 -1.09 -10.09
C SER A 185 -1.57 -0.04 -9.39
N LEU A 186 -0.96 0.74 -8.49
CA LEU A 186 -1.70 1.80 -7.83
C LEU A 186 -2.20 2.80 -8.83
N GLN A 187 -1.37 3.16 -9.81
N GLN A 187 -1.38 3.14 -9.83
CA GLN A 187 -1.80 4.08 -10.85
CA GLN A 187 -1.81 4.09 -10.86
C GLN A 187 -3.01 3.53 -11.60
C GLN A 187 -3.00 3.54 -11.64
N LYS A 188 -2.93 2.26 -12.02
CA LYS A 188 -4.02 1.67 -12.79
C LYS A 188 -5.33 1.72 -12.02
N LEU A 189 -5.27 1.48 -10.70
CA LEU A 189 -6.45 1.36 -9.87
C LEU A 189 -7.03 2.71 -9.45
N THR A 190 -6.19 3.72 -9.24
CA THR A 190 -6.66 5.01 -8.75
C THR A 190 -6.87 6.04 -9.85
N LEU A 191 -6.17 5.92 -10.98
CA LEU A 191 -6.20 6.95 -12.02
C LEU A 191 -6.54 6.36 -13.38
N GLY A 192 -6.21 5.09 -13.60
CA GLY A 192 -6.45 4.41 -14.85
C GLY A 192 -7.82 3.78 -14.89
N SER A 193 -7.95 2.72 -15.68
CA SER A 193 -9.25 2.12 -15.97
C SER A 193 -9.42 0.73 -15.36
N ALA A 194 -8.55 0.34 -14.43
CA ALA A 194 -8.67 -1.00 -13.85
C ALA A 194 -9.96 -1.17 -13.06
N LEU A 195 -10.46 -0.11 -12.43
CA LEU A 195 -11.75 -0.10 -11.78
C LEU A 195 -12.70 0.83 -12.53
N ALA A 196 -14.00 0.50 -12.47
CA ALA A 196 -15.00 1.43 -12.98
C ALA A 196 -14.96 2.72 -12.17
N ALA A 197 -15.45 3.81 -12.77
CA ALA A 197 -15.28 5.12 -12.15
C ALA A 197 -15.83 5.22 -10.73
N PRO A 198 -17.03 4.71 -10.41
CA PRO A 198 -17.49 4.84 -9.01
C PRO A 198 -16.57 4.12 -8.04
N GLN A 199 -16.15 2.92 -8.40
CA GLN A 199 -15.27 2.13 -7.55
C GLN A 199 -13.89 2.75 -7.45
N ARG A 200 -13.39 3.32 -8.55
N ARG A 200 -13.40 3.33 -8.55
CA ARG A 200 -12.12 4.02 -8.52
CA ARG A 200 -12.12 4.02 -8.50
C ARG A 200 -12.16 5.14 -7.49
C ARG A 200 -12.15 5.15 -7.47
N GLN A 201 -13.22 5.97 -7.51
CA GLN A 201 -13.30 7.07 -6.54
C GLN A 201 -13.43 6.55 -5.12
N GLN A 202 -14.15 5.44 -4.93
CA GLN A 202 -14.25 4.87 -3.59
C GLN A 202 -12.89 4.40 -3.09
N PHE A 203 -12.09 3.80 -3.98
CA PHE A 203 -10.75 3.37 -3.59
C PHE A 203 -9.91 4.58 -3.21
N VAL A 204 -9.95 5.62 -4.04
CA VAL A 204 -9.26 6.86 -3.72
C VAL A 204 -9.71 7.40 -2.38
N ASP A 205 -11.03 7.44 -2.14
CA ASP A 205 -11.53 7.99 -0.89
C ASP A 205 -11.05 7.19 0.31
N TRP A 206 -11.00 5.87 0.19
CA TRP A 206 -10.48 5.08 1.30
C TRP A 206 -9.02 5.41 1.57
N LEU A 207 -8.20 5.48 0.51
CA LEU A 207 -6.79 5.84 0.68
C LEU A 207 -6.63 7.23 1.28
N LYS A 208 -7.45 8.19 0.84
CA LYS A 208 -7.35 9.54 1.39
C LYS A 208 -7.65 9.57 2.87
N GLY A 209 -8.53 8.70 3.34
CA GLY A 209 -8.87 8.63 4.74
C GLY A 209 -7.95 7.80 5.60
N ASN A 210 -6.82 7.32 5.05
CA ASN A 210 -5.91 6.54 5.87
C ASN A 210 -5.44 7.35 7.08
N THR A 211 -5.34 6.67 8.23
CA THR A 211 -4.92 7.31 9.47
C THR A 211 -3.51 6.95 9.91
N THR A 212 -2.84 5.99 9.24
CA THR A 212 -1.61 5.43 9.74
C THR A 212 -0.36 5.99 9.05
N GLY A 213 -0.51 6.91 8.11
CA GLY A 213 0.62 7.34 7.29
C GLY A 213 1.11 8.75 7.49
N ASN A 214 0.75 9.39 8.60
CA ASN A 214 1.05 10.83 8.73
C ASN A 214 2.54 11.13 8.79
N HIS A 215 3.38 10.15 9.14
CA HIS A 215 4.81 10.38 9.26
C HIS A 215 5.61 9.80 8.11
N ARG A 216 4.92 9.38 7.04
CA ARG A 216 5.59 8.74 5.90
C ARG A 216 5.46 9.64 4.67
N ILE A 217 4.91 9.16 3.57
CA ILE A 217 4.85 10.00 2.37
C ILE A 217 4.13 11.32 2.66
N ARG A 218 3.04 11.28 3.43
CA ARG A 218 2.30 12.50 3.74
C ARG A 218 3.19 13.57 4.36
N ALA A 219 4.20 13.19 5.14
CA ALA A 219 5.06 14.18 5.79
C ALA A 219 5.90 14.94 4.79
N ALA A 220 6.02 14.44 3.56
CA ALA A 220 6.75 15.11 2.49
C ALA A 220 5.85 15.90 1.55
N VAL A 221 4.55 15.87 1.77
CA VAL A 221 3.54 16.43 0.86
C VAL A 221 2.94 17.68 1.52
N PRO A 222 2.95 18.84 0.84
CA PRO A 222 2.31 20.03 1.42
C PRO A 222 0.87 19.78 1.81
N ALA A 223 0.44 20.46 2.88
CA ALA A 223 -0.88 20.25 3.43
C ALA A 223 -1.99 20.63 2.47
N ASP A 224 -1.74 21.51 1.51
CA ASP A 224 -2.80 21.91 0.57
C ASP A 224 -2.91 21.02 -0.65
N TRP A 225 -2.20 19.89 -0.68
CA TRP A 225 -2.35 18.90 -1.74
C TRP A 225 -3.14 17.69 -1.23
N ALA A 226 -3.96 17.10 -2.08
CA ALA A 226 -4.65 15.87 -1.69
C ALA A 226 -3.70 14.68 -1.79
N VAL A 227 -3.92 13.68 -0.94
N VAL A 227 -3.86 13.74 -0.86
CA VAL A 227 -3.05 12.51 -0.91
CA VAL A 227 -3.05 12.52 -0.81
C VAL A 227 -3.79 11.35 -0.26
C VAL A 227 -3.93 11.36 -0.35
N GLY A 228 -3.63 10.18 -0.86
CA GLY A 228 -4.11 8.94 -0.26
C GLY A 228 -2.96 7.95 -0.22
N ASP A 229 -2.96 7.10 0.80
CA ASP A 229 -1.84 6.18 0.96
C ASP A 229 -2.24 4.94 1.72
N LYS A 230 -1.37 3.93 1.64
CA LYS A 230 -1.46 2.76 2.50
C LYS A 230 -0.07 2.39 2.97
N THR A 231 0.08 2.14 4.26
CA THR A 231 1.33 1.81 4.91
C THR A 231 1.49 0.30 5.14
N GLY A 232 2.73 -0.08 5.43
CA GLY A 232 3.04 -1.41 5.93
C GLY A 232 4.17 -1.34 6.93
N THR A 233 4.10 -2.15 7.99
CA THR A 233 5.14 -2.18 9.03
C THR A 233 5.24 -3.62 9.50
N CYS A 234 6.25 -4.36 9.02
CA CYS A 234 6.32 -5.78 9.33
C CYS A 234 6.71 -6.05 10.78
N GLY A 235 7.45 -5.14 11.40
CA GLY A 235 7.88 -5.32 12.79
C GLY A 235 9.21 -6.01 12.98
N VAL A 236 9.88 -6.38 11.88
CA VAL A 236 11.17 -7.06 11.91
C VAL A 236 11.96 -6.60 10.69
N TYR A 237 13.27 -6.82 10.73
CA TYR A 237 14.15 -6.62 9.58
C TYR A 237 14.03 -5.20 9.02
N GLY A 238 13.85 -4.21 9.88
CA GLY A 238 13.74 -2.83 9.44
C GLY A 238 12.78 -2.62 8.28
N THR A 239 11.72 -3.41 8.23
CA THR A 239 10.91 -3.52 7.02
C THR A 239 9.61 -2.74 7.19
N ALA A 240 9.46 -1.68 6.41
CA ALA A 240 8.26 -0.85 6.45
C ALA A 240 8.14 -0.13 5.11
N ASN A 241 6.95 0.40 4.83
CA ASN A 241 6.72 0.91 3.49
C ASN A 241 5.49 1.82 3.49
N ASP A 242 5.29 2.48 2.35
CA ASP A 242 4.11 3.32 2.11
C ASP A 242 4.02 3.48 0.60
N TYR A 243 2.80 3.53 0.09
CA TYR A 243 2.56 3.93 -1.29
C TYR A 243 1.43 4.95 -1.31
N ALA A 244 1.46 5.83 -2.29
CA ALA A 244 0.53 6.94 -2.29
C ALA A 244 0.26 7.47 -3.68
N VAL A 245 -0.93 8.06 -3.84
N VAL A 245 -0.89 8.14 -3.81
CA VAL A 245 -1.22 8.96 -4.93
CA VAL A 245 -1.24 8.95 -4.97
C VAL A 245 -1.28 10.36 -4.33
C VAL A 245 -1.45 10.37 -4.47
N VAL A 246 -0.69 11.31 -5.03
CA VAL A 246 -0.59 12.69 -4.58
C VAL A 246 -1.10 13.56 -5.71
N TRP A 247 -1.94 14.54 -5.35
CA TRP A 247 -2.47 15.50 -6.32
C TRP A 247 -1.93 16.89 -6.00
N PRO A 248 -0.76 17.27 -6.53
CA PRO A 248 -0.32 18.66 -6.39
C PRO A 248 -1.32 19.54 -7.12
N THR A 249 -1.50 20.75 -6.64
CA THR A 249 -2.43 21.64 -7.32
C THR A 249 -1.79 22.11 -8.62
N GLY A 250 -2.60 22.22 -9.66
CA GLY A 250 -2.15 22.80 -10.90
C GLY A 250 -1.35 21.90 -11.82
N ARG A 251 -1.17 20.63 -11.50
CA ARG A 251 -0.43 19.72 -12.36
C ARG A 251 -0.97 18.32 -12.14
N ALA A 252 -0.49 17.38 -12.96
CA ALA A 252 -0.98 16.01 -12.94
C ALA A 252 -0.57 15.29 -11.67
N PRO A 253 -1.32 14.27 -11.26
CA PRO A 253 -0.97 13.56 -10.03
C PRO A 253 0.32 12.76 -10.16
N ILE A 254 0.90 12.49 -9.00
CA ILE A 254 2.12 11.70 -8.85
C ILE A 254 1.74 10.44 -8.10
N VAL A 255 2.26 9.30 -8.56
N VAL A 255 2.26 9.30 -8.55
CA VAL A 255 2.08 8.02 -7.88
CA VAL A 255 2.06 8.03 -7.85
C VAL A 255 3.45 7.57 -7.43
C VAL A 255 3.43 7.50 -7.47
N LEU A 256 3.58 7.10 -6.20
CA LEU A 256 4.88 6.66 -5.73
C LEU A 256 4.78 5.59 -4.65
N ALA A 257 5.89 4.84 -4.53
CA ALA A 257 6.02 3.77 -3.56
C ALA A 257 7.41 3.85 -2.95
N VAL A 258 7.49 3.68 -1.63
CA VAL A 258 8.74 3.68 -0.87
C VAL A 258 8.71 2.45 0.04
N TYR A 259 9.66 1.53 -0.17
CA TYR A 259 9.77 0.29 0.58
C TYR A 259 11.14 0.23 1.23
N THR A 260 11.22 -0.30 2.45
CA THR A 260 12.49 -0.48 3.11
C THR A 260 12.61 -1.90 3.67
N ARG A 261 13.86 -2.31 3.84
CA ARG A 261 14.23 -3.50 4.59
CA ARG A 261 14.23 -3.50 4.59
C ARG A 261 15.65 -3.33 5.08
N ALA A 262 16.07 -4.26 5.94
CA ALA A 262 17.38 -4.16 6.57
C ALA A 262 17.86 -5.56 6.91
N PRO A 263 19.16 -5.77 7.11
CA PRO A 263 19.67 -7.15 7.15
C PRO A 263 19.41 -7.93 8.43
N ASN A 264 19.25 -7.26 9.57
CA ASN A 264 19.14 -7.95 10.85
C ASN A 264 17.72 -7.96 11.34
N LYS A 265 17.33 -9.06 11.99
CA LYS A 265 15.94 -9.19 12.41
C LYS A 265 15.53 -8.05 13.33
N ASP A 266 16.41 -7.63 14.23
CA ASP A 266 16.08 -6.58 15.18
C ASP A 266 16.41 -5.17 14.69
N ASP A 267 16.79 -4.99 13.43
CA ASP A 267 16.94 -3.64 12.91
C ASP A 267 15.60 -2.93 12.94
N LYS A 268 15.62 -1.68 13.36
CA LYS A 268 14.35 -0.95 13.46
C LYS A 268 14.00 -0.28 12.15
N HIS A 269 12.70 -0.21 11.86
CA HIS A 269 12.25 0.57 10.73
C HIS A 269 12.32 2.05 11.09
N SER A 270 12.19 2.90 10.07
CA SER A 270 12.20 4.34 10.28
C SER A 270 11.13 5.00 9.43
N GLU A 271 10.21 5.71 10.08
CA GLU A 271 9.27 6.52 9.34
C GLU A 271 9.97 7.68 8.67
N ALA A 272 10.94 8.28 9.37
CA ALA A 272 11.62 9.45 8.83
C ALA A 272 12.35 9.11 7.53
N VAL A 273 12.90 7.91 7.42
N VAL A 273 12.91 7.91 7.41
CA VAL A 273 13.59 7.52 6.20
CA VAL A 273 13.59 7.55 6.18
C VAL A 273 12.62 7.43 5.03
C VAL A 273 12.60 7.46 5.02
N ILE A 274 11.40 6.95 5.29
CA ILE A 274 10.38 6.87 4.25
C ILE A 274 9.99 8.27 3.79
N ALA A 275 9.72 9.17 4.75
CA ALA A 275 9.41 10.55 4.41
C ALA A 275 10.54 11.20 3.62
N ALA A 276 11.78 10.98 4.03
CA ALA A 276 12.92 11.58 3.35
C ALA A 276 13.04 11.05 1.92
N ALA A 277 12.81 9.75 1.73
CA ALA A 277 12.88 9.17 0.39
C ALA A 277 11.77 9.73 -0.49
N ALA A 278 10.58 9.94 0.09
CA ALA A 278 9.50 10.56 -0.67
C ALA A 278 9.86 11.97 -1.09
N ARG A 279 10.50 12.73 -0.19
N ARG A 279 10.48 12.74 -0.18
CA ARG A 279 10.92 14.08 -0.53
CA ARG A 279 10.93 14.09 -0.53
C ARG A 279 11.95 14.08 -1.65
C ARG A 279 11.90 14.04 -1.70
N LEU A 280 12.89 13.14 -1.63
CA LEU A 280 13.86 13.03 -2.72
C LEU A 280 13.16 12.67 -4.02
N ALA A 281 12.16 11.78 -3.97
CA ALA A 281 11.44 11.41 -5.18
C ALA A 281 10.75 12.61 -5.79
N LEU A 282 10.05 13.40 -4.96
CA LEU A 282 9.38 14.60 -5.46
C LEU A 282 10.39 15.58 -6.04
N GLU A 283 11.52 15.76 -5.36
CA GLU A 283 12.57 16.64 -5.88
C GLU A 283 13.08 16.14 -7.21
N GLY A 284 13.28 14.83 -7.34
CA GLY A 284 13.77 14.27 -8.60
C GLY A 284 12.81 14.48 -9.74
N LEU A 285 11.51 14.57 -9.45
CA LEU A 285 10.51 14.84 -10.46
C LEU A 285 10.33 16.33 -10.74
N GLY A 286 11.01 17.19 -10.00
CA GLY A 286 10.84 18.62 -10.19
C GLY A 286 9.52 19.15 -9.69
N VAL A 287 8.87 18.42 -8.79
CA VAL A 287 7.61 18.84 -8.20
C VAL A 287 7.94 19.76 -7.03
N ASN A 288 7.59 21.04 -7.16
CA ASN A 288 7.86 21.99 -6.10
C ASN A 288 6.90 21.73 -4.94
N GLY A 289 7.46 21.54 -3.76
CA GLY A 289 6.66 21.48 -2.55
C GLY A 289 6.97 22.65 -1.64
S SO4 B . -6.26 22.11 -10.44
O1 SO4 B . -5.58 22.01 -9.16
O2 SO4 B . -5.37 22.72 -11.42
O3 SO4 B . -7.45 22.96 -10.30
O4 SO4 B . -6.67 20.78 -10.88
S SO4 C . 11.14 7.15 13.30
O1 SO4 C . 12.54 6.96 13.68
O2 SO4 C . 11.11 8.10 12.19
O3 SO4 C . 10.54 5.87 12.89
O4 SO4 C . 10.39 7.69 14.44
C1 GOL D . -9.71 12.23 -7.63
C1 GOL D . -9.32 11.95 -7.49
O1 GOL D . -9.77 10.82 -7.65
O1 GOL D . -10.53 12.37 -8.07
C2 GOL D . -9.39 12.68 -6.19
C2 GOL D . -9.11 12.65 -6.13
O2 GOL D . -10.51 12.70 -5.38
O2 GOL D . -10.29 12.73 -5.40
C3 GOL D . -8.77 14.08 -6.35
C3 GOL D . -8.53 14.05 -6.41
O3 GOL D . -8.27 14.46 -5.09
O3 GOL D . -7.82 14.43 -5.24
H11 GOL D . -10.54 12.64 -7.90
H11 GOL D . -8.55 12.15 -8.04
H12 GOL D . -9.03 12.58 -8.22
H12 GOL D . -9.29 10.99 -7.35
HO1 GOL D . -10.58 10.61 -7.47
HO1 GOL D . -11.08 12.51 -7.45
H2 GOL D . -8.77 12.06 -5.77
H2 GOL D . -8.49 12.12 -5.59
HO2 GOL D . -10.69 13.52 -5.22
HO2 GOL D . -10.47 13.56 -5.27
H31 GOL D . -9.46 14.67 -6.69
H31 GOL D . -9.25 14.65 -6.64
H32 GOL D . -8.11 14.04 -7.04
H32 GOL D . -7.97 13.99 -7.20
HO3 GOL D . -7.88 15.21 -5.22
HO3 GOL D . -8.05 15.24 -5.04
N A1H3N E . -0.04 -2.17 9.75
C A1H3N E . 1.53 -6.84 10.56
O A1H3N E . -0.09 -5.81 12.05
C1 A1H3N E . 0.42 -5.82 10.70
C10 A1H3N E . 0.43 0.19 9.83
C11 A1H3N E . 1.06 -4.36 8.91
C2 A1H3N E . 0.94 -4.41 10.45
C3 A1H3N E . -0.14 -3.35 10.65
C4 A1H3N E . 0.07 -2.85 12.08
C5 A1H3N E . 0.21 -1.14 10.47
C6 A1H3N E . 0.32 -1.34 11.95
C7 A1H3N E . 2.22 -1.69 13.99
C8 A1H3N E . 3.23 -1.02 14.91
C9 A1H3N E . 4.29 1.20 14.50
N1 A1H3N E . 3.21 0.42 14.74
N2 A1H3N E . 5.45 0.64 14.41
O1 A1H3N E . 1.30 0.21 8.85
O2 A1H3N E . -0.19 1.17 10.20
O3 A1H3N E . 2.04 -4.07 8.23
S A1H3N E . 1.97 -0.75 12.47
H6 A1H3N E . 1.16 -7.85 10.47
H5 A1H3N E . 2.20 -6.82 11.43
H4 A1H3N E . 2.14 -6.64 9.69
H7 A1H3N E . 0.65 -5.44 12.61
H A1H3N E . -0.35 -6.11 9.99
H3 A1H3N E . 1.81 -4.24 11.06
H1 A1H3N E . -1.13 -3.71 10.39
H9 A1H3N E . 0.92 -3.36 12.55
H8 A1H3N E . -0.77 -3.08 12.72
H2 A1H3N E . -0.41 -0.78 12.53
H11 A1H3N E . 2.51 -2.70 13.68
H10 A1H3N E . 1.23 -1.79 14.43
H12 A1H3N E . 4.23 -1.40 14.71
H13 A1H3N E . 3.03 -1.27 15.95
H15 A1H3N E . 4.06 2.26 14.40
H14 A1H3N E . 2.30 0.87 14.81
H16 A1H3N E . 6.21 1.28 14.23
H17 A1H3N E . 1.68 -0.70 8.68
C2 A1H3O F . 0.52 -4.52 10.69
C3 A1H3O F . -0.37 -3.28 10.78
C4 A1H3O F . 0.04 -2.63 12.09
C5 A1H3O F . 0.43 -1.27 10.19
C6 A1H3O F . 0.60 -1.28 11.67
C7 A1H3O F . 0.62 1.39 12.57
C8 A1H3O F . 1.01 1.64 14.02
C9 A1H3O F . 0.62 -0.57 15.16
O2 A1H3O F . 0.05 0.07 8.32
N2 A1H3O F . 1.64 -1.06 14.55
O3 A1H3O F . 1.87 -4.04 8.61
C1 A1H3O F . 0.29 -6.01 10.79
N A1H3O F . -0.08 -2.33 9.69
C A1H3O F . 1.59 -6.76 10.56
O A1H3O F . -0.12 -6.19 12.15
O1 A1H3O F . 1.80 0.59 9.60
C10 A1H3O F . 0.76 -0.15 9.28
C11 A1H3O F . 0.83 -4.38 9.18
N1 A1H3O F . 0.30 0.74 14.92
S A1H3O F . -0.52 0.00 12.33
H3 A1H3O F . 1.13 -4.43 11.59
H1 A1H3O F . -1.44 -3.49 10.65
H8 A1H3O F . 0.77 -3.23 12.63
H9 A1H3O F . -0.79 -2.55 12.79
H2 A1H3O F . 1.65 -1.09 11.93
H11 A1H3O F . 0.17 2.28 12.14
H10 A1H3O F . 1.51 1.19 11.97
H12 A1H3O F . 0.80 2.68 14.27
H13 A1H3O F . 2.08 1.53 14.13
H15 A1H3O F . -0.02 -1.06 15.88
H16 A1H3O F . 1.82 -2.03 14.76
H A1H3O F . -0.43 -6.38 10.08
H5 A1H3O F . 2.29 -6.65 11.40
H4 A1H3O F . 2.12 -6.42 9.67
H6 A1H3O F . 1.43 -7.83 10.43
H7 A1H3O F . 0.43 -5.58 12.70
H17 A1H3O F . 1.95 1.32 8.94
H14 A1H3O F . -0.50 1.13 15.41
#